data_4EDM
#
_entry.id   4EDM
#
_cell.length_a   49.360
_cell.length_b   67.438
_cell.length_c   105.712
_cell.angle_alpha   90.000
_cell.angle_beta   90.000
_cell.angle_gamma   90.000
#
_symmetry.space_group_name_H-M   'P 21 21 21'
#
loop_
_entity.id
_entity.type
_entity.pdbx_description
1 polymer Beta-parvin
2 non-polymer 1,2-ETHANEDIOL
3 water water
#
_entity_poly.entity_id   1
_entity_poly.type   'polypeptide(L)'
_entity_poly.pdbx_seq_one_letter_code
;GNSGRFERDAFDTLFDHAPDKLSVVKKSLITFVNKHLNKLNLEVTELETQFADGVYLVLLMGLLEDYFVPLHHFYLTPES
FDQKVHNVSFAFELMLDGGLKKPKARPEDVVNLDLKSTLRVLYNLFTKYKNVE
;
_entity_poly.pdbx_strand_id   A,B
#
# COMPACT_ATOMS: atom_id res chain seq x y z
N GLU A 7 17.23 2.93 -10.68
CA GLU A 7 16.91 1.68 -11.44
C GLU A 7 15.44 1.30 -11.30
N ARG A 8 14.73 1.38 -12.41
CA ARG A 8 13.27 1.37 -12.39
C ARG A 8 12.62 0.06 -12.83
N ASP A 9 11.48 -0.26 -12.23
CA ASP A 9 10.70 -1.42 -12.64
C ASP A 9 9.36 -0.96 -13.22
N ALA A 10 8.48 -1.89 -13.59
CA ALA A 10 7.19 -1.51 -14.18
C ALA A 10 6.24 -0.84 -13.15
N PHE A 11 6.35 -1.25 -11.88
CA PHE A 11 5.54 -0.68 -10.80
C PHE A 11 5.85 0.82 -10.64
N ASP A 12 7.12 1.18 -10.74
CA ASP A 12 7.58 2.56 -10.58
C ASP A 12 6.95 3.50 -11.61
N THR A 13 6.64 2.97 -12.80
CA THR A 13 6.05 3.79 -13.87
C THR A 13 4.63 4.26 -13.55
N LEU A 14 3.96 3.58 -12.61
CA LEU A 14 2.61 3.93 -12.20
C LEU A 14 2.55 5.26 -11.45
N PHE A 15 3.72 5.72 -11.00
CA PHE A 15 3.82 6.91 -10.13
C PHE A 15 4.42 8.11 -10.82
N ASP A 16 4.65 7.97 -12.12
CA ASP A 16 4.98 9.11 -12.97
C ASP A 16 3.76 10.00 -13.07
N HIS A 17 3.99 11.30 -13.05
CA HIS A 17 2.88 12.24 -12.96
C HIS A 17 2.10 12.29 -14.25
N ALA A 18 0.83 11.93 -14.13
CA ALA A 18 -0.15 12.13 -15.20
C ALA A 18 -1.16 13.17 -14.69
N PRO A 19 -1.60 14.10 -15.55
CA PRO A 19 -2.63 15.05 -15.11
C PRO A 19 -3.90 14.32 -14.66
N ASP A 20 -4.54 14.84 -13.62
CA ASP A 20 -5.82 14.29 -13.17
C ASP A 20 -6.63 15.39 -12.50
N LYS A 21 -7.90 15.11 -12.26
CA LYS A 21 -8.83 16.07 -11.67
C LYS A 21 -8.44 16.56 -10.25
N LEU A 22 -7.62 15.79 -9.54
CA LEU A 22 -7.23 16.11 -8.17
C LEU A 22 -5.83 16.67 -8.09
N SER A 23 -5.22 16.99 -9.23
CA SER A 23 -3.84 17.51 -9.23
C SER A 23 -3.60 18.79 -8.39
N VAL A 24 -4.57 19.73 -8.36
CA VAL A 24 -4.39 20.98 -7.61
C VAL A 24 -4.53 20.67 -6.12
N VAL A 25 -5.55 19.86 -5.80
CA VAL A 25 -5.76 19.41 -4.45
C VAL A 25 -4.51 18.69 -3.90
N LYS A 26 -3.94 17.76 -4.69
CA LYS A 26 -2.80 16.94 -4.25
C LYS A 26 -1.57 17.78 -4.01
N LYS A 27 -1.28 18.65 -4.97
CA LYS A 27 -0.14 19.57 -4.85
C LYS A 27 -0.16 20.49 -3.59
N SER A 28 -1.33 20.98 -3.28
CA SER A 28 -1.57 21.79 -2.11
C SER A 28 -1.41 20.99 -0.82
N LEU A 29 -1.89 19.73 -0.78
CA LEU A 29 -1.63 18.88 0.37
C LEU A 29 -0.12 18.57 0.61
N ILE A 30 0.61 18.38 -0.49
CA ILE A 30 2.03 18.04 -0.43
C ILE A 30 2.84 19.21 0.11
N THR A 31 2.50 20.42 -0.39
CA THR A 31 3.05 21.66 0.12
C THR A 31 2.76 21.79 1.62
N PHE A 32 1.51 21.55 2.01
CA PHE A 32 1.14 21.67 3.40
C PHE A 32 1.90 20.68 4.34
N VAL A 33 1.89 19.37 4.06
CA VAL A 33 2.62 18.36 4.87
C VAL A 33 4.12 18.64 4.95
N ASN A 34 4.71 19.03 3.81
CA ASN A 34 6.13 19.41 3.79
C ASN A 34 6.49 20.66 4.59
N LYS A 35 5.60 21.64 4.61
CA LYS A 35 5.83 22.84 5.43
C LYS A 35 6.17 22.42 6.89
N HIS A 36 5.42 21.44 7.40
CA HIS A 36 5.71 20.91 8.76
C HIS A 36 6.80 19.85 8.79
N LEU A 37 6.61 18.76 8.05
CA LEU A 37 7.59 17.66 8.06
C LEU A 37 9.02 18.12 7.69
N ASN A 38 9.16 19.09 6.83
CA ASN A 38 10.53 19.53 6.48
C ASN A 38 11.29 20.08 7.66
N LYS A 39 10.54 20.46 8.68
CA LYS A 39 11.17 20.97 9.89
C LYS A 39 11.95 19.82 10.56
N LEU A 40 11.52 18.60 10.29
CA LEU A 40 12.19 17.40 10.82
C LEU A 40 13.08 16.72 9.78
N ASN A 41 13.36 17.41 8.68
CA ASN A 41 14.23 16.88 7.66
C ASN A 41 13.52 15.74 6.93
N LEU A 42 12.19 15.63 7.08
CA LEU A 42 11.39 14.66 6.34
C LEU A 42 10.72 15.34 5.10
N GLU A 43 10.61 14.60 4.00
CA GLU A 43 10.07 15.12 2.77
C GLU A 43 9.03 14.13 2.25
N VAL A 44 7.92 14.65 1.76
CA VAL A 44 6.95 13.82 1.08
C VAL A 44 6.93 14.20 -0.39
N THR A 45 7.04 13.20 -1.27
CA THR A 45 6.92 13.41 -2.71
C THR A 45 5.76 12.62 -3.30
N GLU A 46 5.14 11.75 -2.51
CA GLU A 46 4.21 10.75 -3.04
C GLU A 46 3.13 10.43 -1.99
N LEU A 47 2.04 11.20 -2.01
CA LEU A 47 0.88 10.98 -1.17
C LEU A 47 0.27 9.59 -1.21
N GLU A 48 0.38 8.90 -2.36
CA GLU A 48 -0.28 7.60 -2.59
C GLU A 48 0.24 6.48 -1.67
N THR A 49 1.49 6.61 -1.21
CA THR A 49 2.14 5.53 -0.43
C THR A 49 2.84 6.00 0.86
N GLN A 50 3.35 7.24 0.90
CA GLN A 50 4.21 7.65 2.00
C GLN A 50 3.51 7.95 3.34
N PHE A 51 2.17 7.83 3.44
CA PHE A 51 1.49 8.00 4.74
C PHE A 51 0.90 6.69 5.26
N ALA A 52 1.05 5.65 4.44
CA ALA A 52 0.47 4.35 4.71
C ALA A 52 0.93 3.67 6.01
N ASP A 53 2.19 3.85 6.42
CA ASP A 53 2.69 3.14 7.55
C ASP A 53 2.42 3.88 8.89
N GLY A 54 1.90 5.08 8.78
CA GLY A 54 1.41 5.90 9.93
C GLY A 54 2.45 6.79 10.58
N VAL A 55 3.71 6.52 10.24
CA VAL A 55 4.72 7.28 10.88
C VAL A 55 4.40 8.75 10.70
N TYR A 56 4.34 9.23 9.45
CA TYR A 56 4.40 10.71 9.16
C TYR A 56 3.18 11.36 9.67
N LEU A 57 2.05 10.65 9.66
CA LEU A 57 0.91 11.23 10.25
C LEU A 57 1.04 11.49 11.76
N VAL A 58 1.72 10.56 12.49
CA VAL A 58 1.97 10.74 13.93
C VAL A 58 2.83 11.98 14.16
N LEU A 59 3.91 12.07 13.41
CA LEU A 59 4.83 13.19 13.55
C LEU A 59 4.18 14.52 13.10
N LEU A 60 3.32 14.47 12.10
CA LEU A 60 2.59 15.64 11.61
C LEU A 60 1.70 16.18 12.71
N MET A 61 0.98 15.28 13.39
CA MET A 61 0.17 15.67 14.54
C MET A 61 0.99 16.37 15.64
N GLY A 62 2.14 15.81 16.01
CA GLY A 62 3.05 16.41 16.97
C GLY A 62 3.40 17.84 16.54
N LEU A 63 3.54 18.04 15.23
CA LEU A 63 4.04 19.35 14.74
C LEU A 63 2.88 20.35 14.74
N LEU A 64 1.70 19.87 14.38
CA LEU A 64 0.49 20.71 14.24
C LEU A 64 -0.11 21.16 15.56
N GLU A 65 -0.15 20.26 16.54
CA GLU A 65 -0.61 20.58 17.89
C GLU A 65 0.52 21.13 18.76
N ASP A 66 1.74 21.10 18.23
CA ASP A 66 2.92 21.52 18.99
C ASP A 66 3.11 20.76 20.33
N TYR A 67 3.25 19.45 20.25
CA TYR A 67 3.67 18.69 21.45
C TYR A 67 4.65 17.58 21.09
N PHE A 68 5.45 17.18 22.08
CA PHE A 68 6.36 16.07 21.92
C PHE A 68 5.57 14.77 21.96
N VAL A 69 5.86 13.90 20.99
CA VAL A 69 5.26 12.56 20.96
C VAL A 69 6.40 11.55 21.15
N PRO A 70 6.61 11.07 22.39
CA PRO A 70 7.71 10.06 22.58
C PRO A 70 7.52 8.79 21.73
N LEU A 71 8.67 8.26 21.30
CA LEU A 71 8.72 7.10 20.42
C LEU A 71 8.04 5.86 21.00
N HIS A 72 7.97 5.75 22.34
CA HIS A 72 7.33 4.55 22.92
C HIS A 72 5.85 4.49 22.67
N HIS A 73 5.26 5.60 22.24
CA HIS A 73 3.82 5.64 21.85
C HIS A 73 3.47 4.97 20.53
N PHE A 74 4.47 4.84 19.66
CA PHE A 74 4.17 4.36 18.30
C PHE A 74 5.36 3.59 17.75
N TYR A 75 5.32 3.24 16.47
CA TYR A 75 6.35 2.40 15.88
C TYR A 75 7.11 3.16 14.81
N LEU A 76 8.28 3.69 15.17
CA LEU A 76 9.10 4.44 14.24
C LEU A 76 9.42 3.59 13.01
N THR A 77 9.61 2.28 13.23
CA THR A 77 9.90 1.31 12.19
C THR A 77 8.89 0.20 12.19
N PRO A 78 7.70 0.48 11.66
CA PRO A 78 6.69 -0.55 11.78
C PRO A 78 7.04 -1.69 10.82
N GLU A 79 6.98 -2.93 11.29
CA GLU A 79 7.33 -4.02 10.41
C GLU A 79 6.06 -4.65 9.92
N SER A 80 5.11 -4.79 10.84
CA SER A 80 3.93 -5.55 10.55
C SER A 80 2.79 -4.61 10.16
N PHE A 81 1.74 -5.21 9.60
CA PHE A 81 0.49 -4.58 9.29
C PHE A 81 -0.10 -4.01 10.58
N ASP A 82 -0.01 -4.75 11.67
CA ASP A 82 -0.56 -4.32 12.95
C ASP A 82 0.12 -3.12 13.51
N GLN A 83 1.43 -3.01 13.32
CA GLN A 83 2.13 -1.85 13.81
C GLN A 83 1.76 -0.55 13.05
N LYS A 84 1.52 -0.65 11.73
CA LYS A 84 1.14 0.52 10.91
C LYS A 84 -0.32 0.84 11.25
N VAL A 85 -1.13 -0.19 11.39
CA VAL A 85 -2.50 0.12 11.79
C VAL A 85 -2.48 0.83 13.14
N HIS A 86 -1.70 0.31 14.09
CA HIS A 86 -1.43 1.05 15.33
C HIS A 86 -1.10 2.51 15.17
N ASN A 87 -0.04 2.82 14.41
CA ASN A 87 0.39 4.20 14.17
C ASN A 87 -0.71 5.13 13.61
N VAL A 88 -1.40 4.70 12.55
CA VAL A 88 -2.47 5.49 11.96
C VAL A 88 -3.58 5.71 13.03
N SER A 89 -3.87 4.67 13.78
CA SER A 89 -4.92 4.68 14.81
C SER A 89 -4.55 5.67 15.94
N PHE A 90 -3.28 5.67 16.31
CA PHE A 90 -2.77 6.64 17.27
C PHE A 90 -2.85 8.10 16.75
N ALA A 91 -2.40 8.36 15.50
CA ALA A 91 -2.61 9.67 14.82
C ALA A 91 -4.10 10.07 14.92
N PHE A 92 -4.98 9.14 14.62
CA PHE A 92 -6.44 9.44 14.69
C PHE A 92 -6.91 9.84 16.10
N GLU A 93 -6.33 9.19 17.11
CA GLU A 93 -6.61 9.53 18.50
C GLU A 93 -6.07 10.91 18.82
N LEU A 94 -4.84 11.24 18.38
CA LEU A 94 -4.33 12.62 18.53
C LEU A 94 -5.26 13.68 17.86
N MET A 95 -5.80 13.35 16.68
CA MET A 95 -6.73 14.23 15.98
C MET A 95 -8.01 14.44 16.76
N LEU A 96 -8.61 13.33 17.20
CA LEU A 96 -9.86 13.34 17.91
C LEU A 96 -9.74 14.11 19.23
N ASP A 97 -8.62 13.93 19.93
CA ASP A 97 -8.40 14.61 21.19
C ASP A 97 -8.09 16.09 21.05
N GLY A 98 -7.74 16.53 19.86
CA GLY A 98 -7.43 17.92 19.61
C GLY A 98 -8.66 18.68 19.15
N GLY A 99 -9.80 17.99 19.10
CA GLY A 99 -11.08 18.58 18.76
C GLY A 99 -11.64 18.18 17.42
N LEU A 100 -10.82 17.58 16.54
CA LEU A 100 -11.28 17.17 15.21
C LEU A 100 -12.38 16.11 15.32
N LYS A 101 -13.26 16.06 14.33
CA LYS A 101 -14.32 15.05 14.27
C LYS A 101 -13.67 13.73 13.92
N LYS A 102 -14.16 12.64 14.50
CA LYS A 102 -13.63 11.29 14.22
C LYS A 102 -13.49 11.06 12.71
N PRO A 103 -12.25 10.77 12.24
CA PRO A 103 -12.04 10.53 10.80
C PRO A 103 -12.95 9.42 10.26
N LYS A 104 -13.47 9.61 9.03
CA LYS A 104 -14.35 8.62 8.40
C LYS A 104 -13.58 7.36 8.02
N ALA A 105 -12.30 7.54 7.72
CA ALA A 105 -11.43 6.49 7.25
C ALA A 105 -11.17 5.43 8.31
N ARG A 106 -11.10 4.16 7.88
CA ARG A 106 -10.63 3.12 8.75
C ARG A 106 -9.12 3.15 8.63
N PRO A 107 -8.40 2.97 9.76
CA PRO A 107 -6.93 3.06 9.75
C PRO A 107 -6.31 2.05 8.76
N GLU A 108 -6.94 0.89 8.62
CA GLU A 108 -6.55 -0.16 7.68
C GLU A 108 -6.55 0.28 6.21
N ASP A 109 -7.55 1.12 5.85
CA ASP A 109 -7.68 1.75 4.53
C ASP A 109 -6.44 2.65 4.23
N VAL A 110 -5.97 3.40 5.22
CA VAL A 110 -4.76 4.27 5.01
C VAL A 110 -3.61 3.31 4.77
N VAL A 111 -3.44 2.30 5.63
CA VAL A 111 -2.24 1.42 5.56
C VAL A 111 -2.29 0.63 4.22
N ASN A 112 -3.49 0.24 3.86
CA ASN A 112 -3.77 -0.40 2.54
C ASN A 112 -3.90 0.57 1.33
N LEU A 113 -3.31 1.76 1.45
CA LEU A 113 -3.16 2.66 0.30
C LEU A 113 -4.46 3.13 -0.39
N ASP A 114 -5.55 3.35 0.35
CA ASP A 114 -6.79 3.85 -0.26
C ASP A 114 -6.58 5.38 -0.37
N LEU A 115 -6.58 5.89 -1.59
CA LEU A 115 -6.32 7.32 -1.77
C LEU A 115 -7.43 8.14 -1.16
N LYS A 116 -8.68 7.74 -1.36
CA LYS A 116 -9.79 8.54 -0.87
C LYS A 116 -9.70 8.74 0.65
N SER A 117 -9.40 7.66 1.36
CA SER A 117 -9.26 7.74 2.83
C SER A 117 -8.05 8.59 3.21
N THR A 118 -6.98 8.45 2.45
CA THR A 118 -5.75 9.17 2.75
C THR A 118 -5.85 10.68 2.46
N LEU A 119 -6.37 11.03 1.28
CA LEU A 119 -6.67 12.44 0.95
C LEU A 119 -7.66 13.09 1.90
N ARG A 120 -8.73 12.39 2.27
CA ARG A 120 -9.72 12.95 3.20
C ARG A 120 -9.08 13.27 4.57
N VAL A 121 -8.25 12.37 5.08
CA VAL A 121 -7.50 12.59 6.33
C VAL A 121 -6.63 13.84 6.23
N LEU A 122 -5.87 13.96 5.14
CA LEU A 122 -4.93 15.06 5.01
C LEU A 122 -5.64 16.39 4.77
N TYR A 123 -6.67 16.38 3.94
CA TYR A 123 -7.45 17.59 3.66
C TYR A 123 -8.12 18.15 4.93
N ASN A 124 -8.65 17.27 5.79
CA ASN A 124 -9.15 17.69 7.12
C ASN A 124 -8.09 18.30 8.04
N LEU A 125 -6.88 17.77 8.00
CA LEU A 125 -5.80 18.39 8.76
C LEU A 125 -5.50 19.79 8.17
N PHE A 126 -5.50 19.91 6.83
CA PHE A 126 -5.20 21.19 6.15
C PHE A 126 -6.25 22.25 6.57
N THR A 127 -7.52 21.88 6.54
CA THR A 127 -8.64 22.79 6.88
C THR A 127 -8.53 23.34 8.30
N LYS A 128 -8.26 22.46 9.27
CA LYS A 128 -8.11 22.88 10.66
C LYS A 128 -6.79 23.65 10.90
N TYR A 129 -5.68 23.19 10.31
CA TYR A 129 -4.33 23.73 10.66
C TYR A 129 -3.63 24.55 9.56
N LYS A 130 -4.38 25.03 8.57
CA LYS A 130 -3.92 25.98 7.54
C LYS A 130 -2.90 27.03 8.03
N ASN A 131 -3.23 27.68 9.14
CA ASN A 131 -2.47 28.85 9.59
C ASN A 131 -1.36 28.62 10.60
N VAL A 132 -1.22 27.41 11.12
CA VAL A 132 -0.05 27.06 11.92
C VAL A 132 1.22 27.29 11.09
N GLU A 133 2.14 28.08 11.64
CA GLU A 133 3.33 28.44 10.88
C GLU A 133 4.36 27.31 10.91
N GLY B 4 -31.86 10.60 1.43
CA GLY B 4 -30.40 10.39 1.38
C GLY B 4 -29.71 11.24 0.32
N ARG B 5 -30.10 12.51 0.22
CA ARG B 5 -29.42 13.45 -0.67
C ARG B 5 -28.00 13.75 -0.19
N PHE B 6 -27.78 13.61 1.10
CA PHE B 6 -26.48 13.92 1.71
C PHE B 6 -25.64 12.65 1.96
N GLU B 7 -26.14 11.51 1.51
CA GLU B 7 -25.53 10.22 1.83
C GLU B 7 -24.09 10.13 1.35
N ARG B 8 -23.81 10.68 0.17
CA ARG B 8 -22.45 10.78 -0.32
C ARG B 8 -21.88 12.17 0.01
N ASP B 9 -20.78 12.21 0.77
CA ASP B 9 -20.19 13.49 1.16
C ASP B 9 -19.29 14.11 0.08
N ALA B 10 -18.76 15.30 0.39
CA ALA B 10 -17.87 16.04 -0.50
C ALA B 10 -16.86 15.14 -1.20
N PHE B 11 -16.07 14.39 -0.44
CA PHE B 11 -14.92 13.63 -0.95
C PHE B 11 -15.28 12.43 -1.82
N ASP B 12 -16.41 11.82 -1.51
CA ASP B 12 -17.00 10.76 -2.31
C ASP B 12 -17.26 11.27 -3.73
N THR B 13 -17.87 12.45 -3.82
CA THR B 13 -18.16 13.06 -5.12
C THR B 13 -16.87 13.39 -5.88
N LEU B 14 -15.87 13.90 -5.15
CA LEU B 14 -14.56 14.18 -5.74
C LEU B 14 -13.99 12.96 -6.44
N PHE B 15 -14.07 11.80 -5.76
CA PHE B 15 -13.60 10.51 -6.31
C PHE B 15 -14.51 9.83 -7.31
N ASP B 16 -15.79 10.20 -7.34
CA ASP B 16 -16.70 9.74 -8.40
C ASP B 16 -16.18 10.24 -9.75
N HIS B 17 -15.59 11.44 -9.73
CA HIS B 17 -15.06 12.10 -10.92
C HIS B 17 -13.63 11.76 -11.21
N ALA B 18 -12.78 11.65 -10.19
CA ALA B 18 -11.41 11.16 -10.38
C ALA B 18 -11.18 9.92 -9.54
N PRO B 19 -11.48 8.72 -10.13
CA PRO B 19 -11.33 7.48 -9.38
C PRO B 19 -9.87 7.23 -9.01
N ASP B 20 -9.66 6.54 -7.89
CA ASP B 20 -8.33 6.13 -7.44
C ASP B 20 -7.64 5.25 -8.51
N LYS B 21 -6.56 5.78 -9.08
CA LYS B 21 -5.73 5.11 -10.07
C LYS B 21 -5.21 3.75 -9.61
N LEU B 22 -4.77 3.66 -8.37
CA LEU B 22 -4.19 2.43 -7.84
C LEU B 22 -5.26 1.37 -7.61
N SER B 23 -6.48 1.83 -7.38
CA SER B 23 -7.64 0.99 -7.19
C SER B 23 -8.06 0.29 -8.48
N VAL B 24 -7.99 0.99 -9.62
CA VAL B 24 -8.20 0.35 -10.94
C VAL B 24 -7.07 -0.66 -11.24
N VAL B 25 -5.85 -0.33 -10.84
CA VAL B 25 -4.76 -1.29 -10.98
C VAL B 25 -4.96 -2.57 -10.13
N LYS B 26 -5.48 -2.40 -8.90
CA LYS B 26 -5.78 -3.54 -8.03
CA LYS B 26 -5.81 -3.53 -8.01
C LYS B 26 -6.82 -4.48 -8.66
N LYS B 27 -7.87 -3.93 -9.27
CA LYS B 27 -8.89 -4.77 -9.93
C LYS B 27 -8.31 -5.53 -11.13
N SER B 28 -7.41 -4.85 -11.85
CA SER B 28 -6.72 -5.43 -12.99
C SER B 28 -5.82 -6.62 -12.57
N LEU B 29 -5.12 -6.46 -11.45
CA LEU B 29 -4.26 -7.50 -10.92
C LEU B 29 -5.03 -8.72 -10.42
N ILE B 30 -6.21 -8.49 -9.84
CA ILE B 30 -7.12 -9.57 -9.43
C ILE B 30 -7.57 -10.42 -10.62
N THR B 31 -7.94 -9.74 -11.72
CA THR B 31 -8.30 -10.44 -12.95
C THR B 31 -7.11 -11.24 -13.45
N PHE B 32 -5.93 -10.61 -13.49
CA PHE B 32 -4.71 -11.29 -13.91
C PHE B 32 -4.33 -12.54 -13.07
N VAL B 33 -4.27 -12.42 -11.74
CA VAL B 33 -3.90 -13.60 -10.92
C VAL B 33 -4.96 -14.72 -11.01
N ASN B 34 -6.26 -14.38 -10.99
CA ASN B 34 -7.32 -15.35 -11.09
C ASN B 34 -7.38 -16.03 -12.45
N LYS B 35 -7.06 -15.28 -13.50
CA LYS B 35 -7.00 -15.83 -14.85
C LYS B 35 -6.12 -17.09 -14.84
N HIS B 36 -5.00 -17.02 -14.12
CA HIS B 36 -4.10 -18.15 -14.06
C HIS B 36 -4.40 -19.10 -12.94
N LEU B 37 -4.51 -18.57 -11.72
CA LEU B 37 -4.76 -19.42 -10.54
C LEU B 37 -6.11 -20.18 -10.54
N ASN B 38 -7.11 -19.66 -11.24
CA ASN B 38 -8.41 -20.35 -11.34
C ASN B 38 -8.27 -21.72 -12.02
N LYS B 39 -7.22 -21.89 -12.82
CA LYS B 39 -6.92 -23.14 -13.53
C LYS B 39 -6.53 -24.22 -12.55
N LEU B 40 -6.01 -23.79 -11.40
CA LEU B 40 -5.70 -24.69 -10.33
C LEU B 40 -6.81 -24.72 -9.25
N ASN B 41 -8.03 -24.24 -9.56
CA ASN B 41 -9.15 -24.14 -8.56
C ASN B 41 -8.90 -23.17 -7.39
N LEU B 42 -7.95 -22.26 -7.53
CA LEU B 42 -7.62 -21.26 -6.53
C LEU B 42 -8.25 -19.87 -6.89
N GLU B 43 -8.99 -19.27 -5.94
CA GLU B 43 -9.61 -17.96 -6.13
C GLU B 43 -8.94 -16.92 -5.25
N VAL B 44 -8.64 -15.76 -5.81
CA VAL B 44 -8.05 -14.67 -5.06
C VAL B 44 -9.05 -13.51 -5.01
N THR B 45 -9.38 -13.07 -3.79
CA THR B 45 -10.23 -11.89 -3.64
C THR B 45 -9.55 -10.78 -2.84
N GLU B 46 -8.39 -11.08 -2.26
CA GLU B 46 -7.70 -10.13 -1.40
C GLU B 46 -6.22 -10.19 -1.72
N LEU B 47 -5.75 -9.19 -2.46
CA LEU B 47 -4.30 -9.05 -2.74
C LEU B 47 -3.53 -8.72 -1.47
N GLU B 48 -4.21 -8.12 -0.52
CA GLU B 48 -3.57 -7.72 0.72
C GLU B 48 -3.22 -8.90 1.63
N THR B 49 -3.85 -10.06 1.46
CA THR B 49 -3.61 -11.19 2.38
C THR B 49 -3.24 -12.51 1.69
N GLN B 50 -3.71 -12.74 0.47
CA GLN B 50 -3.69 -14.09 -0.07
C GLN B 50 -2.37 -14.45 -0.77
N PHE B 51 -1.39 -13.55 -0.74
CA PHE B 51 -0.08 -13.84 -1.30
C PHE B 51 1.02 -13.83 -0.27
N ALA B 52 0.64 -13.54 0.98
CA ALA B 52 1.60 -13.34 2.07
C ALA B 52 2.38 -14.62 2.43
N ASP B 53 1.74 -15.78 2.33
CA ASP B 53 2.42 -17.03 2.73
C ASP B 53 3.29 -17.64 1.62
N GLY B 54 3.31 -16.98 0.46
CA GLY B 54 4.10 -17.36 -0.72
C GLY B 54 3.58 -18.59 -1.50
N VAL B 55 2.51 -19.23 -1.07
CA VAL B 55 2.08 -20.40 -1.84
C VAL B 55 1.63 -19.99 -3.25
N TYR B 56 0.77 -18.97 -3.34
CA TYR B 56 0.19 -18.59 -4.65
C TYR B 56 1.23 -17.98 -5.61
N LEU B 57 2.22 -17.30 -5.06
CA LEU B 57 3.31 -16.78 -5.89
C LEU B 57 4.10 -17.90 -6.59
N VAL B 58 4.45 -18.95 -5.83
CA VAL B 58 5.13 -20.11 -6.37
C VAL B 58 4.29 -20.80 -7.47
N LEU B 59 3.03 -21.09 -7.16
CA LEU B 59 2.11 -21.72 -8.15
C LEU B 59 1.88 -20.85 -9.42
N LEU B 60 1.62 -19.55 -9.22
CA LEU B 60 1.57 -18.58 -10.31
C LEU B 60 2.80 -18.65 -11.22
N MET B 61 3.99 -18.67 -10.64
CA MET B 61 5.21 -18.72 -11.43
C MET B 61 5.31 -20.03 -12.20
N GLY B 62 4.87 -21.12 -11.56
CA GLY B 62 4.82 -22.42 -12.23
C GLY B 62 3.92 -22.39 -13.45
N LEU B 63 2.71 -21.84 -13.29
CA LEU B 63 1.78 -21.65 -14.41
C LEU B 63 2.35 -20.75 -15.53
N LEU B 64 2.90 -19.60 -15.16
CA LEU B 64 3.36 -18.63 -16.16
C LEU B 64 4.58 -19.07 -16.96
N GLU B 65 5.43 -19.88 -16.35
CA GLU B 65 6.58 -20.41 -17.07
C GLU B 65 6.36 -21.84 -17.53
N ASP B 66 5.10 -22.29 -17.50
CA ASP B 66 4.72 -23.67 -17.85
C ASP B 66 5.68 -24.69 -17.22
N TYR B 67 5.83 -24.63 -15.91
CA TYR B 67 6.84 -25.41 -15.21
C TYR B 67 6.26 -26.10 -14.00
N PHE B 68 6.47 -27.40 -13.93
CA PHE B 68 6.01 -28.25 -12.83
C PHE B 68 6.91 -27.96 -11.64
N VAL B 69 6.36 -27.32 -10.60
CA VAL B 69 7.17 -27.03 -9.41
C VAL B 69 7.05 -28.19 -8.44
N PRO B 70 8.16 -28.88 -8.17
CA PRO B 70 8.11 -30.03 -7.24
C PRO B 70 7.75 -29.58 -5.82
N LEU B 71 6.79 -30.25 -5.19
CA LEU B 71 6.28 -29.84 -3.87
C LEU B 71 7.35 -29.80 -2.78
N HIS B 72 8.46 -30.52 -2.97
CA HIS B 72 9.55 -30.57 -1.98
C HIS B 72 10.57 -29.44 -2.16
N HIS B 73 10.31 -28.58 -3.12
CA HIS B 73 11.11 -27.37 -3.32
C HIS B 73 10.57 -26.23 -2.49
N PHE B 74 9.36 -26.37 -1.98
CA PHE B 74 8.70 -25.31 -1.21
C PHE B 74 7.77 -25.91 -0.16
N TYR B 75 7.13 -25.06 0.64
CA TYR B 75 6.25 -25.46 1.72
C TYR B 75 4.84 -25.13 1.32
N LEU B 76 4.15 -26.14 0.82
CA LEU B 76 2.75 -26.02 0.45
C LEU B 76 1.85 -25.67 1.64
N THR B 77 2.22 -26.08 2.86
CA THR B 77 1.53 -25.63 4.05
C THR B 77 2.53 -24.97 5.00
N PRO B 78 2.95 -23.72 4.69
CA PRO B 78 3.89 -23.06 5.61
C PRO B 78 3.25 -22.76 6.98
N GLU B 79 4.00 -23.02 8.04
CA GLU B 79 3.51 -22.87 9.41
C GLU B 79 4.39 -21.95 10.23
N SER B 80 5.51 -21.56 9.66
CA SER B 80 6.38 -20.63 10.33
C SER B 80 6.62 -19.46 9.40
N PHE B 81 7.05 -18.35 9.98
CA PHE B 81 7.46 -17.18 9.23
C PHE B 81 8.56 -17.54 8.24
N ASP B 82 9.56 -18.31 8.70
CA ASP B 82 10.69 -18.68 7.87
C ASP B 82 10.29 -19.50 6.65
N GLN B 83 9.27 -20.36 6.80
CA GLN B 83 8.74 -21.13 5.66
C GLN B 83 7.96 -20.28 4.63
N LYS B 84 7.25 -19.28 5.12
CA LYS B 84 6.63 -18.29 4.23
C LYS B 84 7.71 -17.49 3.50
N VAL B 85 8.77 -17.10 4.20
CA VAL B 85 9.83 -16.31 3.55
C VAL B 85 10.57 -17.14 2.49
N HIS B 86 10.77 -18.43 2.79
CA HIS B 86 11.31 -19.37 1.80
C HIS B 86 10.45 -19.40 0.54
N ASN B 87 9.14 -19.53 0.72
CA ASN B 87 8.22 -19.64 -0.42
C ASN B 87 8.37 -18.42 -1.35
N VAL B 88 8.35 -17.23 -0.73
CA VAL B 88 8.37 -15.96 -1.47
C VAL B 88 9.72 -15.85 -2.17
N SER B 89 10.78 -16.19 -1.46
CA SER B 89 12.16 -16.12 -2.04
C SER B 89 12.33 -17.14 -3.16
N PHE B 90 11.64 -18.28 -3.03
CA PHE B 90 11.67 -19.27 -4.08
C PHE B 90 10.94 -18.79 -5.33
N ALA B 91 9.78 -18.16 -5.12
CA ALA B 91 9.04 -17.51 -6.21
C ALA B 91 9.87 -16.39 -6.85
N PHE B 92 10.70 -15.68 -6.08
CA PHE B 92 11.57 -14.62 -6.63
C PHE B 92 12.69 -15.19 -7.49
N GLU B 93 13.25 -16.33 -7.06
CA GLU B 93 14.19 -17.07 -7.91
C GLU B 93 13.58 -17.56 -9.21
N LEU B 94 12.31 -18.00 -9.16
CA LEU B 94 11.59 -18.42 -10.37
C LEU B 94 11.40 -17.30 -11.38
N MET B 95 11.09 -16.11 -10.89
CA MET B 95 10.95 -14.90 -11.73
C MET B 95 12.30 -14.51 -12.30
N LEU B 96 13.34 -14.65 -11.50
CA LEU B 96 14.70 -14.31 -11.91
C LEU B 96 15.15 -15.23 -13.04
N ASP B 97 14.77 -16.51 -12.95
CA ASP B 97 15.13 -17.48 -13.96
C ASP B 97 14.33 -17.31 -15.25
N GLY B 98 13.10 -16.78 -15.13
CA GLY B 98 12.27 -16.50 -16.29
C GLY B 98 12.70 -15.28 -17.13
N GLY B 99 13.62 -14.48 -16.62
CA GLY B 99 14.08 -13.29 -17.35
C GLY B 99 13.89 -11.94 -16.67
N LEU B 100 13.18 -11.92 -15.54
CA LEU B 100 13.03 -10.69 -14.75
C LEU B 100 14.29 -10.32 -13.98
N LYS B 101 14.49 -9.02 -13.80
CA LYS B 101 15.50 -8.50 -12.90
C LYS B 101 15.14 -8.87 -11.45
N LYS B 102 16.15 -8.94 -10.59
CA LYS B 102 15.94 -9.28 -9.18
C LYS B 102 14.95 -8.33 -8.52
N PRO B 103 13.88 -8.85 -7.95
CA PRO B 103 12.80 -8.01 -7.40
C PRO B 103 13.34 -7.06 -6.32
N LYS B 104 12.93 -5.79 -6.38
CA LYS B 104 13.28 -4.83 -5.36
C LYS B 104 12.42 -5.03 -4.09
N ALA B 105 11.38 -5.84 -4.15
CA ALA B 105 10.64 -6.15 -2.91
C ALA B 105 11.48 -7.08 -2.03
N ARG B 106 11.36 -6.92 -0.71
CA ARG B 106 11.93 -7.89 0.21
C ARG B 106 10.91 -8.99 0.47
N PRO B 107 11.38 -10.25 0.49
CA PRO B 107 10.47 -11.38 0.75
C PRO B 107 9.71 -11.22 2.08
N GLU B 108 10.43 -10.70 3.10
CA GLU B 108 9.87 -10.47 4.46
C GLU B 108 8.71 -9.49 4.43
N ASP B 109 8.79 -8.46 3.57
CA ASP B 109 7.71 -7.46 3.44
C ASP B 109 6.41 -8.01 2.84
N VAL B 110 6.52 -8.92 1.86
CA VAL B 110 5.33 -9.68 1.38
C VAL B 110 4.69 -10.50 2.50
N VAL B 111 5.51 -11.26 3.20
CA VAL B 111 5.03 -12.10 4.32
C VAL B 111 4.43 -11.21 5.39
N ASN B 112 5.10 -10.08 5.66
CA ASN B 112 4.61 -9.09 6.61
C ASN B 112 3.46 -8.24 6.13
N LEU B 113 2.86 -8.61 4.99
CA LEU B 113 1.63 -7.99 4.46
C LEU B 113 1.80 -6.49 4.11
N ASP B 114 2.99 -6.10 3.66
CA ASP B 114 3.20 -4.78 3.09
C ASP B 114 2.58 -4.75 1.68
N LEU B 115 1.46 -4.04 1.52
CA LEU B 115 0.79 -4.00 0.26
C LEU B 115 1.62 -3.33 -0.86
N LYS B 116 2.42 -2.33 -0.54
CA LYS B 116 3.24 -1.71 -1.57
C LYS B 116 4.10 -2.79 -2.28
N SER B 117 4.80 -3.62 -1.50
CA SER B 117 5.71 -4.65 -2.00
C SER B 117 4.92 -5.72 -2.76
N THR B 118 3.80 -6.10 -2.20
CA THR B 118 3.00 -7.12 -2.83
C THR B 118 2.50 -6.67 -4.23
N LEU B 119 1.85 -5.49 -4.30
CA LEU B 119 1.42 -4.85 -5.56
C LEU B 119 2.59 -4.69 -6.54
N ARG B 120 3.75 -4.32 -6.05
CA ARG B 120 4.94 -4.23 -6.89
C ARG B 120 5.28 -5.56 -7.56
N VAL B 121 5.34 -6.62 -6.76
CA VAL B 121 5.61 -7.96 -7.30
C VAL B 121 4.56 -8.36 -8.34
N LEU B 122 3.29 -8.20 -8.00
CA LEU B 122 2.24 -8.60 -8.90
C LEU B 122 2.17 -7.74 -10.17
N TYR B 123 2.48 -6.44 -10.06
CA TYR B 123 2.39 -5.55 -11.20
C TYR B 123 3.52 -5.82 -12.16
N ASN B 124 4.69 -6.11 -11.60
CA ASN B 124 5.84 -6.51 -12.42
C ASN B 124 5.54 -7.79 -13.20
N LEU B 125 4.78 -8.71 -12.58
CA LEU B 125 4.41 -9.95 -13.25
C LEU B 125 3.40 -9.67 -14.34
N PHE B 126 2.38 -8.88 -14.02
CA PHE B 126 1.31 -8.54 -14.95
C PHE B 126 1.85 -7.86 -16.22
N THR B 127 2.81 -6.96 -16.06
CA THR B 127 3.42 -6.23 -17.17
C THR B 127 4.11 -7.21 -18.12
N LYS B 128 4.86 -8.16 -17.57
CA LYS B 128 5.60 -9.12 -18.38
C LYS B 128 4.73 -10.24 -18.99
N TYR B 129 3.79 -10.79 -18.23
CA TYR B 129 3.03 -11.96 -18.64
C TYR B 129 1.60 -11.65 -19.02
N LYS B 130 1.33 -10.37 -19.22
CA LYS B 130 0.01 -9.84 -19.56
C LYS B 130 -0.71 -10.56 -20.71
N ASN B 131 0.05 -11.07 -21.68
CA ASN B 131 -0.55 -11.68 -22.87
C ASN B 131 -0.90 -13.17 -22.73
N VAL B 132 -0.07 -13.90 -21.98
CA VAL B 132 -0.26 -15.33 -21.76
C VAL B 132 -1.72 -15.70 -21.43
N GLU B 133 -2.34 -16.54 -22.26
CA GLU B 133 -3.72 -17.03 -22.07
C GLU B 133 -3.86 -17.94 -20.83
#